data_4RW0
#
_entry.id   4RW0
#
_cell.length_a   121.650
_cell.length_b   121.650
_cell.length_c   84.173
_cell.angle_alpha   90.00
_cell.angle_beta   90.00
_cell.angle_gamma   120.00
#
_symmetry.space_group_name_H-M   'P 63'
#
loop_
_entity.id
_entity.type
_entity.pdbx_description
1 polymer 'Lipolytic protein G-D-S-L family'
2 non-polymer GLYCEROL
3 non-polymer 'SODIUM ION'
4 water water
#
_entity_poly.entity_id   1
_entity_poly.type   'polypeptide(L)'
_entity_poly.pdbx_seq_one_letter_code
;SNA(MSE)EIICFGDSITRGYDVPYGRGWVEICDASIENVNFTNYGEDGCSVQG(MSE)IYNIENWAVTAVSDPTRHIFL
(MSE)CGTNDILQGRDSTYVYKTLVKAIELASTKG(MSE)VIIGLETQIDSD(MSE)DGLDLVVREVNEQLKAYAAEHNI
KVIDFYTTLFEADQIGQIVFAGEVHPNERGYRL(MSE)AYKALEVFTRL
;
_entity_poly.pdbx_strand_id   A,B
#
# COMPACT_ATOMS: atom_id res chain seq x y z
N ASN A 2 -12.10 25.36 10.13
CA ASN A 2 -11.82 24.92 8.74
C ASN A 2 -10.59 23.94 8.67
N ALA A 3 -10.24 23.62 7.44
CA ALA A 3 -9.30 22.59 7.15
C ALA A 3 -7.85 22.94 7.54
N GLU A 5 -4.13 23.37 6.14
CA GLU A 5 -3.35 23.61 4.90
C GLU A 5 -2.03 22.90 4.84
N ILE A 6 -1.82 22.14 3.77
CA ILE A 6 -0.56 21.60 3.42
C ILE A 6 -0.11 22.11 2.06
N ILE A 7 1.04 22.79 2.08
CA ILE A 7 1.65 23.46 0.91
C ILE A 7 2.79 22.53 0.45
N CYS A 8 2.78 22.08 -0.82
CA CYS A 8 3.77 21.18 -1.34
C CYS A 8 4.68 21.79 -2.38
N PHE A 9 5.99 21.71 -2.14
CA PHE A 9 7.02 22.15 -3.08
C PHE A 9 7.89 21.01 -3.52
N GLY A 10 8.38 21.13 -4.75
CA GLY A 10 9.29 20.19 -5.35
C GLY A 10 9.34 20.26 -6.87
N ASP A 11 9.76 19.16 -7.50
CA ASP A 11 9.96 19.14 -8.87
C ASP A 11 8.78 18.37 -9.60
N SER A 12 9.06 17.77 -10.72
CA SER A 12 7.99 17.10 -11.49
C SER A 12 7.42 15.89 -10.81
N ILE A 13 8.15 15.31 -9.85
CA ILE A 13 7.69 14.13 -9.15
C ILE A 13 6.75 14.54 -8.01
N THR A 14 6.82 15.77 -7.55
CA THR A 14 5.80 16.30 -6.70
C THR A 14 4.59 16.87 -7.55
N ARG A 15 4.90 17.50 -8.67
CA ARG A 15 3.82 18.07 -9.56
C ARG A 15 2.93 16.90 -10.09
N GLY A 16 3.52 15.77 -10.38
CA GLY A 16 2.79 14.62 -10.97
C GLY A 16 2.92 14.42 -12.48
N TYR A 17 4.13 14.56 -12.99
CA TYR A 17 4.44 14.33 -14.35
C TYR A 17 4.55 12.82 -14.47
N ASP A 18 3.87 12.22 -15.41
CA ASP A 18 3.08 12.81 -16.51
C ASP A 18 1.70 12.01 -16.60
N VAL A 19 0.86 12.19 -15.63
CA VAL A 19 -0.36 11.43 -15.52
C VAL A 19 -1.47 12.50 -15.40
N PRO A 20 -2.71 12.11 -15.62
CA PRO A 20 -3.79 13.10 -15.55
C PRO A 20 -3.90 13.77 -14.19
N TYR A 21 -4.34 15.03 -14.19
CA TYR A 21 -4.53 15.78 -12.98
C TYR A 21 -5.47 15.01 -12.12
N GLY A 22 -5.12 14.78 -10.88
CA GLY A 22 -5.88 13.93 -10.00
C GLY A 22 -5.20 12.59 -9.73
N ARG A 23 -4.25 12.27 -10.52
CA ARG A 23 -3.59 11.01 -10.29
C ARG A 23 -2.15 11.04 -9.85
N GLY A 24 -1.61 12.21 -9.72
CA GLY A 24 -0.34 12.43 -9.02
C GLY A 24 -0.57 12.18 -7.55
N TRP A 25 0.47 11.88 -6.80
CA TRP A 25 0.28 11.52 -5.41
C TRP A 25 -0.30 12.60 -4.53
N VAL A 26 0.02 13.85 -4.82
CA VAL A 26 -0.55 14.94 -4.00
C VAL A 26 -2.04 15.02 -4.14
N GLU A 27 -2.46 14.82 -5.34
CA GLU A 27 -3.84 14.94 -5.59
C GLU A 27 -4.67 13.78 -5.06
N ILE A 28 -4.11 12.58 -5.13
CA ILE A 28 -4.68 11.39 -4.47
C ILE A 28 -4.84 11.67 -2.97
N CYS A 29 -3.82 12.25 -2.37
CA CYS A 29 -3.90 12.53 -0.95
C CYS A 29 -5.01 13.55 -0.67
N ASP A 30 -5.12 14.55 -1.50
CA ASP A 30 -6.11 15.57 -1.27
C ASP A 30 -7.56 15.01 -1.35
N ALA A 31 -7.73 14.05 -2.26
CA ALA A 31 -9.04 13.40 -2.47
C ALA A 31 -9.28 12.41 -1.37
N SER A 32 -8.25 11.98 -0.66
CA SER A 32 -8.45 10.99 0.40
C SER A 32 -8.69 11.55 1.76
N ILE A 33 -8.37 12.82 2.03
CA ILE A 33 -8.56 13.39 3.37
C ILE A 33 -9.47 14.61 3.27
N GLU A 34 -10.57 14.56 4.01
CA GLU A 34 -11.61 15.56 3.83
C GLU A 34 -11.19 16.92 4.38
N ASN A 35 -10.67 16.98 5.60
CA ASN A 35 -10.40 18.33 6.11
C ASN A 35 -8.92 18.76 6.04
N VAL A 36 -8.17 18.22 5.06
CA VAL A 36 -6.81 18.65 4.76
C VAL A 36 -6.83 19.04 3.27
N ASN A 37 -6.44 20.33 3.00
CA ASN A 37 -6.36 20.85 1.63
C ASN A 37 -4.93 21.02 1.21
N PHE A 38 -4.58 20.42 0.08
CA PHE A 38 -3.21 20.38 -0.43
C PHE A 38 -3.15 21.40 -1.58
N THR A 39 -2.14 22.26 -1.58
CA THR A 39 -1.83 23.08 -2.73
C THR A 39 -0.48 22.67 -3.29
N ASN A 40 -0.44 22.37 -4.59
CA ASN A 40 0.76 21.91 -5.24
C ASN A 40 1.55 23.04 -5.91
N TYR A 41 2.73 23.34 -5.39
CA TYR A 41 3.67 24.32 -5.98
C TYR A 41 4.80 23.66 -6.71
N GLY A 42 4.65 22.35 -6.99
CA GLY A 42 5.66 21.64 -7.66
C GLY A 42 5.88 22.21 -9.04
N GLU A 43 7.09 22.05 -9.55
CA GLU A 43 7.43 22.69 -10.85
C GLU A 43 8.33 21.73 -11.61
N ASP A 44 7.91 21.39 -12.80
CA ASP A 44 8.68 20.50 -13.60
C ASP A 44 10.05 21.07 -13.95
N GLY A 45 11.07 20.24 -13.85
CA GLY A 45 12.40 20.64 -14.19
C GLY A 45 13.10 21.37 -13.06
N CYS A 46 12.46 21.54 -11.92
CA CYS A 46 13.00 22.39 -10.83
C CYS A 46 14.27 21.82 -10.15
N SER A 47 15.21 22.72 -9.88
CA SER A 47 16.39 22.37 -9.06
C SER A 47 16.13 22.73 -7.58
N VAL A 48 17.02 22.30 -6.67
CA VAL A 48 16.80 22.55 -5.25
C VAL A 48 16.87 24.08 -5.00
N GLN A 49 17.79 24.77 -5.68
CA GLN A 49 17.83 26.23 -5.49
C GLN A 49 16.60 26.89 -6.11
N GLY A 50 16.16 26.43 -7.26
CA GLY A 50 14.87 26.91 -7.80
C GLY A 50 13.68 26.73 -6.87
N ILE A 52 13.86 26.76 -3.53
CA ILE A 52 14.04 27.87 -2.57
C ILE A 52 13.40 29.12 -3.05
N TYR A 53 13.65 29.46 -4.30
CA TYR A 53 12.99 30.64 -4.86
C TYR A 53 11.45 30.55 -4.80
N ASN A 54 10.91 29.37 -5.13
CA ASN A 54 9.46 29.18 -5.02
C ASN A 54 8.96 29.37 -3.64
N ILE A 55 9.73 28.86 -2.65
CA ILE A 55 9.32 28.96 -1.28
C ILE A 55 9.35 30.43 -0.84
N GLU A 56 10.38 31.14 -1.25
CA GLU A 56 10.49 32.58 -0.87
C GLU A 56 9.37 33.34 -1.48
N ASN A 57 9.02 33.05 -2.74
CA ASN A 57 7.95 33.88 -3.39
C ASN A 57 6.62 33.63 -2.74
N TRP A 58 6.39 32.40 -2.28
CA TRP A 58 5.18 32.16 -1.50
C TRP A 58 5.26 32.77 -0.11
N ALA A 59 6.38 32.55 0.58
CA ALA A 59 6.49 32.97 1.97
C ALA A 59 6.22 34.45 2.21
N VAL A 60 6.66 35.28 1.29
N VAL A 60 6.68 35.30 1.30
CA VAL A 60 6.43 36.73 1.42
CA VAL A 60 6.44 36.76 1.44
C VAL A 60 5.00 37.12 1.31
C VAL A 60 4.96 37.11 1.38
N THR A 61 4.12 36.22 0.81
CA THR A 61 2.69 36.45 0.78
C THR A 61 1.89 35.69 1.77
N ALA A 62 2.53 34.79 2.51
CA ALA A 62 1.77 33.83 3.34
C ALA A 62 1.18 34.41 4.59
N VAL A 63 -0.08 34.10 4.86
CA VAL A 63 -0.70 34.45 6.15
C VAL A 63 -0.14 33.60 7.27
N SER A 64 -0.22 34.09 8.50
CA SER A 64 0.19 33.26 9.68
C SER A 64 -0.79 32.13 9.82
N ASP A 65 -0.30 30.96 10.15
CA ASP A 65 -1.19 29.81 10.26
C ASP A 65 -0.48 28.81 11.11
N PRO A 66 -0.93 28.67 12.36
CA PRO A 66 -0.15 27.83 13.30
C PRO A 66 -0.41 26.32 13.09
N THR A 67 -1.36 25.91 12.24
CA THR A 67 -1.41 24.48 11.90
C THR A 67 -0.93 24.09 10.50
N ARG A 68 -0.41 25.04 9.74
CA ARG A 68 0.12 24.74 8.39
C ARG A 68 1.29 23.78 8.43
N HIS A 69 1.28 22.83 7.48
CA HIS A 69 2.43 22.04 7.16
C HIS A 69 2.93 22.35 5.76
N ILE A 70 4.20 22.21 5.58
CA ILE A 70 4.90 22.49 4.34
C ILE A 70 5.69 21.25 3.98
N PHE A 71 5.30 20.62 2.86
CA PHE A 71 6.03 19.48 2.36
C PHE A 71 7.11 19.91 1.36
N LEU A 72 8.33 19.40 1.42
CA LEU A 72 9.40 19.73 0.51
C LEU A 72 10.06 18.41 0.04
N CYS A 74 13.13 17.54 -3.23
CA CYS A 74 13.77 17.96 -4.48
C CYS A 74 15.20 17.38 -4.59
N GLY A 75 15.83 17.56 -5.73
CA GLY A 75 17.24 17.23 -5.88
C GLY A 75 17.57 16.32 -7.00
N THR A 76 16.58 15.54 -7.46
CA THR A 76 16.80 14.73 -8.65
C THR A 76 17.42 15.44 -9.82
N ASN A 77 16.88 16.61 -10.18
CA ASN A 77 17.49 17.32 -11.32
C ASN A 77 18.93 17.73 -11.12
N ASP A 78 19.27 18.06 -9.89
CA ASP A 78 20.64 18.44 -9.54
C ASP A 78 21.55 17.21 -9.67
N ILE A 79 21.09 16.06 -9.18
CA ILE A 79 21.87 14.84 -9.26
C ILE A 79 22.04 14.42 -10.70
N LEU A 80 20.98 14.54 -11.50
CA LEU A 80 21.13 14.21 -12.91
C LEU A 80 22.12 15.14 -13.63
N GLN A 81 22.24 16.37 -13.17
CA GLN A 81 23.17 17.29 -13.78
C GLN A 81 24.57 17.23 -13.19
N GLY A 82 24.81 16.35 -12.24
CA GLY A 82 26.17 16.14 -11.80
C GLY A 82 26.50 16.67 -10.44
N ARG A 83 25.58 17.30 -9.69
CA ARG A 83 25.94 17.82 -8.39
C ARG A 83 26.12 16.70 -7.41
N ASP A 84 26.93 16.92 -6.39
CA ASP A 84 27.15 15.87 -5.42
C ASP A 84 26.21 15.99 -4.24
N SER A 85 26.21 14.96 -3.39
CA SER A 85 25.33 14.82 -2.26
C SER A 85 25.52 15.90 -1.22
N THR A 86 26.74 16.41 -1.13
CA THR A 86 26.97 17.52 -0.20
C THR A 86 26.24 18.81 -0.64
N TYR A 87 26.33 19.15 -1.91
CA TYR A 87 25.64 20.31 -2.42
C TYR A 87 24.08 20.16 -2.22
N VAL A 88 23.58 18.99 -2.64
CA VAL A 88 22.14 18.73 -2.61
C VAL A 88 21.60 18.76 -1.23
N TYR A 89 22.30 18.06 -0.31
CA TYR A 89 21.90 18.08 1.08
C TYR A 89 21.92 19.46 1.72
N LYS A 90 23.00 20.19 1.51
CA LYS A 90 23.14 21.53 2.13
C LYS A 90 22.06 22.47 1.67
N THR A 91 21.74 22.40 0.38
CA THR A 91 20.77 23.33 -0.18
C THR A 91 19.37 22.95 0.33
N LEU A 92 19.07 21.63 0.45
CA LEU A 92 17.80 21.21 1.06
C LEU A 92 17.65 21.66 2.50
N VAL A 93 18.71 21.58 3.29
CA VAL A 93 18.65 22.14 4.63
C VAL A 93 18.27 23.63 4.68
N LYS A 94 18.82 24.41 3.76
CA LYS A 94 18.44 25.82 3.62
C LYS A 94 16.96 25.98 3.34
N ALA A 95 16.47 25.15 2.46
CA ALA A 95 15.03 25.14 2.17
C ALA A 95 14.21 24.80 3.40
N ILE A 96 14.68 23.81 4.17
CA ILE A 96 13.97 23.35 5.33
C ILE A 96 13.94 24.43 6.41
N GLU A 97 15.07 25.12 6.57
CA GLU A 97 15.15 26.25 7.59
C GLU A 97 14.26 27.40 7.20
N LEU A 98 14.23 27.71 5.90
CA LEU A 98 13.33 28.75 5.42
C LEU A 98 11.89 28.37 5.60
N ALA A 99 11.47 27.18 5.13
CA ALA A 99 10.07 26.80 5.27
C ALA A 99 9.63 26.72 6.73
N SER A 100 10.55 26.36 7.62
CA SER A 100 10.21 26.28 9.06
C SER A 100 9.74 27.55 9.72
N THR A 101 10.04 28.69 9.09
CA THR A 101 9.56 29.96 9.63
C THR A 101 8.12 30.21 9.34
N LYS A 102 7.49 29.43 8.42
CA LYS A 102 6.07 29.66 8.08
C LYS A 102 5.15 28.48 8.32
N GLY A 103 5.74 27.36 8.73
CA GLY A 103 4.95 26.19 9.04
C GLY A 103 5.83 25.03 9.53
N VAL A 105 7.45 21.53 8.81
CA VAL A 105 7.96 20.98 7.60
C VAL A 105 7.81 19.46 7.63
N ILE A 106 7.53 18.92 6.47
CA ILE A 106 7.58 17.45 6.21
C ILE A 106 8.48 17.24 5.04
N ILE A 107 9.44 16.34 5.21
CA ILE A 107 10.42 16.06 4.22
C ILE A 107 10.11 14.77 3.44
N GLY A 108 10.21 14.83 2.11
CA GLY A 108 10.06 13.63 1.29
C GLY A 108 11.41 13.19 0.81
N LEU A 109 11.67 11.88 0.85
CA LEU A 109 12.93 11.35 0.34
C LEU A 109 12.67 10.95 -1.09
N GLU A 110 13.38 11.56 -2.02
CA GLU A 110 13.12 11.35 -3.39
C GLU A 110 13.51 9.91 -3.83
N THR A 111 12.88 9.48 -4.88
CA THR A 111 12.94 8.13 -5.39
C THR A 111 14.15 7.89 -6.24
N GLN A 112 14.38 6.63 -6.57
CA GLN A 112 15.62 6.23 -7.20
C GLN A 112 15.83 6.71 -8.61
N ILE A 113 17.09 6.82 -8.99
CA ILE A 113 17.48 7.08 -10.36
C ILE A 113 17.69 5.69 -11.01
N ASP A 114 16.63 5.21 -11.66
CA ASP A 114 16.51 3.83 -12.13
C ASP A 114 17.39 3.52 -13.33
N SER A 115 17.85 4.54 -14.03
CA SER A 115 18.78 4.34 -15.12
C SER A 115 20.23 4.14 -14.69
N ASP A 116 20.57 4.35 -13.42
CA ASP A 116 21.97 4.31 -12.98
C ASP A 116 22.07 3.90 -11.51
N ASP A 118 23.98 2.03 -9.98
CA ASP A 118 25.34 1.89 -9.39
C ASP A 118 26.16 3.16 -9.46
N GLY A 119 25.61 4.21 -10.07
CA GLY A 119 26.28 5.51 -10.17
C GLY A 119 25.47 6.64 -9.49
N LEU A 120 24.65 7.32 -10.28
CA LEU A 120 23.85 8.44 -9.75
C LEU A 120 22.95 8.08 -8.58
N ASP A 121 22.40 6.86 -8.56
CA ASP A 121 21.50 6.54 -7.46
C ASP A 121 22.17 6.51 -6.13
N LEU A 122 23.49 6.29 -6.14
CA LEU A 122 24.22 6.30 -4.86
C LEU A 122 24.24 7.72 -4.25
N VAL A 123 24.25 8.73 -5.09
CA VAL A 123 24.18 10.13 -4.59
C VAL A 123 22.83 10.37 -3.90
N VAL A 124 21.76 9.86 -4.53
CA VAL A 124 20.39 9.95 -3.99
C VAL A 124 20.33 9.30 -2.61
N ARG A 125 20.93 8.12 -2.52
CA ARG A 125 20.95 7.42 -1.28
C ARG A 125 21.68 8.15 -0.20
N GLU A 126 22.80 8.75 -0.54
CA GLU A 126 23.62 9.54 0.43
C GLU A 126 22.84 10.75 0.92
N VAL A 127 22.16 11.46 0.00
CA VAL A 127 21.31 12.59 0.40
C VAL A 127 20.27 12.09 1.35
N ASN A 128 19.59 10.98 1.01
CA ASN A 128 18.47 10.57 1.83
C ASN A 128 18.89 10.12 3.23
N GLU A 129 20.02 9.44 3.35
CA GLU A 129 20.56 9.11 4.70
C GLU A 129 20.83 10.34 5.56
N GLN A 130 21.39 11.36 4.97
CA GLN A 130 21.64 12.60 5.72
C GLN A 130 20.37 13.31 6.09
N LEU A 131 19.34 13.23 5.23
CA LEU A 131 18.06 13.86 5.55
C LEU A 131 17.41 13.14 6.71
N LYS A 132 17.45 11.82 6.68
CA LYS A 132 16.85 11.09 7.81
C LYS A 132 17.54 11.47 9.14
N ALA A 133 18.83 11.65 9.08
CA ALA A 133 19.62 12.02 10.30
C ALA A 133 19.26 13.42 10.77
N TYR A 134 19.16 14.35 9.83
CA TYR A 134 18.71 15.72 10.17
C TYR A 134 17.30 15.72 10.77
N ALA A 135 16.37 14.97 10.20
CA ALA A 135 15.01 15.00 10.63
C ALA A 135 14.88 14.39 12.02
N ALA A 136 15.62 13.31 12.27
CA ALA A 136 15.60 12.66 13.60
C ALA A 136 16.10 13.69 14.65
N GLU A 137 17.18 14.36 14.34
CA GLU A 137 17.76 15.38 15.22
C GLU A 137 16.79 16.51 15.55
N HIS A 138 16.03 16.96 14.55
CA HIS A 138 15.11 18.08 14.72
C HIS A 138 13.65 17.72 14.85
N ASN A 139 13.34 16.43 14.98
CA ASN A 139 11.97 15.97 15.15
CA ASN A 139 11.95 15.99 15.15
C ASN A 139 11.03 16.39 13.98
N ILE A 140 11.51 16.23 12.77
CA ILE A 140 10.74 16.55 11.56
C ILE A 140 10.24 15.26 10.96
N LYS A 141 8.98 15.21 10.58
CA LYS A 141 8.45 14.03 9.90
C LYS A 141 9.01 13.80 8.51
N VAL A 142 9.28 12.54 8.18
CA VAL A 142 9.84 12.10 6.94
C VAL A 142 8.87 11.14 6.20
N ILE A 143 8.72 11.34 4.89
CA ILE A 143 8.06 10.36 4.03
C ILE A 143 9.06 9.68 3.11
N ASP A 144 9.30 8.39 3.34
CA ASP A 144 10.36 7.64 2.63
C ASP A 144 9.81 7.06 1.36
N PHE A 145 9.64 7.90 0.33
CA PHE A 145 9.17 7.40 -0.94
C PHE A 145 10.16 6.47 -1.60
N TYR A 146 11.45 6.72 -1.36
CA TYR A 146 12.48 5.97 -2.02
C TYR A 146 12.27 4.45 -1.78
N THR A 147 12.04 4.09 -0.54
CA THR A 147 11.92 2.69 -0.15
C THR A 147 10.67 2.04 -0.72
N THR A 148 9.58 2.79 -0.73
CA THR A 148 8.34 2.34 -1.31
C THR A 148 8.45 1.89 -2.74
N LEU A 149 9.02 2.69 -3.60
CA LEU A 149 9.16 2.29 -4.96
C LEU A 149 10.31 1.31 -5.22
N PHE A 150 11.39 1.42 -4.43
CA PHE A 150 12.52 0.50 -4.62
C PHE A 150 12.06 -0.94 -4.39
N GLU A 151 11.36 -1.14 -3.31
CA GLU A 151 10.84 -2.50 -2.95
C GLU A 151 9.82 -3.02 -3.94
N ALA A 152 8.96 -2.14 -4.41
CA ALA A 152 7.95 -2.54 -5.33
C ALA A 152 8.57 -2.90 -6.64
N ASP A 153 9.48 -2.05 -7.12
CA ASP A 153 10.11 -2.34 -8.42
C ASP A 153 10.99 -3.64 -8.34
N GLN A 154 11.61 -3.82 -7.21
CA GLN A 154 12.53 -4.95 -7.03
C GLN A 154 11.81 -6.26 -7.13
N ILE A 155 10.56 -6.33 -6.71
CA ILE A 155 9.77 -7.53 -6.78
C ILE A 155 9.01 -7.69 -8.08
N GLY A 156 9.11 -6.72 -8.98
CA GLY A 156 8.47 -6.85 -10.27
C GLY A 156 7.25 -5.98 -10.51
N GLN A 157 6.83 -5.20 -9.52
CA GLN A 157 5.72 -4.26 -9.76
C GLN A 157 6.24 -3.22 -10.77
N ILE A 158 5.41 -2.90 -11.74
N ILE A 158 5.48 -2.93 -11.80
CA ILE A 158 5.73 -1.94 -12.77
CA ILE A 158 5.93 -1.95 -12.76
C ILE A 158 5.40 -0.54 -12.22
C ILE A 158 5.47 -0.56 -12.30
N VAL A 159 6.41 0.17 -11.73
CA VAL A 159 6.14 1.48 -11.07
C VAL A 159 6.80 2.73 -11.74
N PHE A 160 7.81 2.55 -12.57
CA PHE A 160 8.53 3.64 -13.27
C PHE A 160 8.20 3.70 -14.74
N ALA A 161 7.90 4.91 -15.23
CA ALA A 161 7.70 5.15 -16.67
C ALA A 161 8.96 5.47 -17.51
N GLY A 162 10.06 5.70 -16.82
CA GLY A 162 11.31 6.11 -17.38
C GLY A 162 12.41 6.07 -16.31
N GLU A 163 13.48 6.76 -16.60
CA GLU A 163 14.62 6.80 -15.68
C GLU A 163 14.32 7.35 -14.32
N VAL A 164 13.36 8.27 -14.18
CA VAL A 164 12.99 8.74 -12.82
C VAL A 164 11.49 8.86 -12.50
N HIS A 165 10.68 9.08 -13.52
CA HIS A 165 9.26 9.37 -13.26
C HIS A 165 8.43 8.15 -12.96
N PRO A 166 7.71 8.20 -11.84
CA PRO A 166 6.75 7.16 -11.57
C PRO A 166 5.68 7.09 -12.64
N ASN A 167 5.13 5.90 -12.88
CA ASN A 167 3.87 5.78 -13.62
C ASN A 167 2.70 5.88 -12.59
N GLU A 168 1.44 5.70 -13.03
CA GLU A 168 0.26 5.83 -12.15
C GLU A 168 0.32 4.90 -10.99
N ARG A 169 0.86 3.68 -11.17
CA ARG A 169 0.95 2.75 -10.04
C ARG A 169 1.92 3.26 -9.03
N GLY A 170 3.03 3.78 -9.50
CA GLY A 170 4.05 4.31 -8.60
C GLY A 170 3.51 5.50 -7.82
N TYR A 171 2.70 6.35 -8.48
CA TYR A 171 2.07 7.48 -7.75
C TYR A 171 1.05 7.01 -6.72
N ARG A 172 0.29 5.91 -7.00
CA ARG A 172 -0.63 5.42 -5.98
C ARG A 172 0.12 4.93 -4.75
N LEU A 173 1.20 4.15 -4.96
CA LEU A 173 1.97 3.63 -3.84
C LEU A 173 2.60 4.76 -3.01
N ALA A 175 1.33 7.78 -2.72
CA ALA A 175 0.21 8.43 -2.00
C ALA A 175 -0.10 7.67 -0.71
N TYR A 176 -0.15 6.35 -0.80
CA TYR A 176 -0.38 5.51 0.41
C TYR A 176 0.68 5.73 1.44
N LYS A 177 1.91 5.76 0.99
CA LYS A 177 2.99 5.97 1.94
C LYS A 177 2.93 7.37 2.55
N ALA A 178 2.55 8.40 1.77
CA ALA A 178 2.42 9.81 2.32
C ALA A 178 1.25 9.90 3.29
N LEU A 179 0.18 9.18 2.99
CA LEU A 179 -0.95 9.12 3.88
C LEU A 179 -0.69 8.50 5.26
N GLU A 180 0.35 7.71 5.40
CA GLU A 180 0.68 7.21 6.70
C GLU A 180 1.12 8.38 7.59
N VAL A 181 1.67 9.45 7.01
CA VAL A 181 2.08 10.65 7.80
C VAL A 181 0.98 11.64 7.84
N PHE A 182 0.36 11.96 6.69
CA PHE A 182 -0.63 13.03 6.64
C PHE A 182 -1.88 12.76 7.44
N THR A 183 -2.27 11.50 7.51
CA THR A 183 -3.48 11.09 8.22
C THR A 183 -3.35 11.26 9.73
N ARG A 184 -2.15 11.21 10.25
CA ARG A 184 -1.93 11.29 11.67
C ARG A 184 -1.68 12.74 12.13
N LEU A 185 -1.72 13.72 11.23
CA LEU A 185 -1.59 15.12 11.63
C LEU A 185 -2.94 15.59 12.16
N ALA B 3 -11.80 5.78 10.70
CA ALA B 3 -10.90 4.58 10.98
C ALA B 3 -11.65 3.24 10.71
N GLU B 5 -12.92 -0.56 10.07
CA GLU B 5 -12.55 -1.91 10.60
C GLU B 5 -12.72 -2.98 9.53
N ILE B 6 -11.66 -3.79 9.38
CA ILE B 6 -11.70 -4.95 8.52
C ILE B 6 -11.31 -6.20 9.33
N ILE B 7 -12.28 -7.07 9.48
CA ILE B 7 -12.09 -8.28 10.25
C ILE B 7 -11.84 -9.40 9.23
N CYS B 8 -10.74 -10.11 9.41
CA CYS B 8 -10.35 -11.17 8.46
C CYS B 8 -10.50 -12.59 9.03
N PHE B 9 -11.18 -13.45 8.33
CA PHE B 9 -11.28 -14.84 8.75
C PHE B 9 -10.70 -15.73 7.65
N GLY B 10 -10.11 -16.84 8.06
CA GLY B 10 -9.66 -17.88 7.13
C GLY B 10 -8.69 -18.85 7.79
N ASP B 11 -7.85 -19.44 6.97
CA ASP B 11 -6.92 -20.46 7.38
C ASP B 11 -5.51 -19.94 7.47
N SER B 12 -4.54 -20.84 7.34
CA SER B 12 -3.17 -20.49 7.53
C SER B 12 -2.61 -19.44 6.49
N ILE B 13 -3.22 -19.38 5.34
CA ILE B 13 -2.80 -18.47 4.28
C ILE B 13 -3.37 -17.06 4.57
N THR B 14 -4.40 -16.96 5.41
CA THR B 14 -4.79 -15.63 5.93
C THR B 14 -3.95 -15.29 7.12
N ARG B 15 -3.65 -16.28 7.96
CA ARG B 15 -2.91 -16.03 9.20
C ARG B 15 -1.49 -15.61 8.85
N GLY B 16 -0.94 -16.22 7.82
CA GLY B 16 0.43 -15.97 7.39
C GLY B 16 1.51 -17.00 7.77
N TYR B 17 1.15 -18.26 7.64
CA TYR B 17 2.10 -19.36 7.83
C TYR B 17 2.94 -19.46 6.60
N ASP B 18 4.26 -19.60 6.69
CA ASP B 18 5.06 -19.74 7.88
C ASP B 18 6.18 -18.66 7.83
N VAL B 19 5.79 -17.39 7.93
CA VAL B 19 6.73 -16.27 7.79
C VAL B 19 6.59 -15.47 9.04
N PRO B 20 7.59 -14.68 9.42
CA PRO B 20 7.48 -13.94 10.67
C PRO B 20 6.31 -13.00 10.73
N TYR B 21 5.83 -12.73 11.94
CA TYR B 21 4.75 -11.75 12.13
C TYR B 21 5.13 -10.39 11.51
N GLY B 22 4.28 -9.86 10.65
CA GLY B 22 4.60 -8.66 9.89
C GLY B 22 4.85 -8.92 8.43
N ARG B 23 5.14 -10.16 8.04
CA ARG B 23 5.42 -10.46 6.65
C ARG B 23 4.29 -11.16 5.90
N GLY B 24 3.23 -11.56 6.60
CA GLY B 24 2.04 -12.05 5.89
C GLY B 24 1.25 -10.88 5.28
N TRP B 25 0.40 -11.20 4.34
CA TRP B 25 -0.31 -10.16 3.57
C TRP B 25 -1.17 -9.26 4.38
N VAL B 26 -1.81 -9.82 5.38
CA VAL B 26 -2.70 -9.01 6.21
C VAL B 26 -1.95 -7.92 6.97
N GLU B 27 -0.85 -8.30 7.57
CA GLU B 27 -0.11 -7.39 8.39
C GLU B 27 0.59 -6.32 7.50
N ILE B 28 1.02 -6.69 6.29
CA ILE B 28 1.58 -5.74 5.35
C ILE B 28 0.48 -4.71 4.97
N CYS B 29 -0.73 -5.20 4.70
CA CYS B 29 -1.84 -4.30 4.34
C CYS B 29 -2.17 -3.33 5.48
N ASP B 30 -2.16 -3.83 6.71
CA ASP B 30 -2.41 -3.00 7.83
C ASP B 30 -1.36 -1.88 8.06
N ALA B 31 -0.10 -2.28 7.82
CA ALA B 31 1.00 -1.32 7.86
C ALA B 31 0.90 -0.28 6.75
N SER B 32 0.31 -0.64 5.62
CA SER B 32 0.35 0.16 4.44
C SER B 32 -0.84 1.14 4.29
N ILE B 33 -1.96 0.85 4.97
CA ILE B 33 -3.20 1.59 4.83
C ILE B 33 -3.51 2.17 6.19
N GLU B 34 -3.23 3.46 6.24
CA GLU B 34 -3.30 4.16 7.51
C GLU B 34 -4.75 4.37 7.99
N ASN B 35 -5.69 4.61 7.08
CA ASN B 35 -7.07 4.85 7.49
C ASN B 35 -7.91 3.50 7.60
N VAL B 36 -7.26 2.33 7.62
CA VAL B 36 -7.92 1.03 7.87
C VAL B 36 -7.19 0.16 8.92
N ASN B 37 -7.99 -0.35 9.85
CA ASN B 37 -7.52 -1.24 10.88
CA ASN B 37 -7.55 -1.24 10.89
C ASN B 37 -7.98 -2.70 10.62
N PHE B 38 -7.00 -3.61 10.58
CA PHE B 38 -7.27 -5.04 10.20
C PHE B 38 -7.16 -5.85 11.48
N THR B 39 -8.13 -6.73 11.72
CA THR B 39 -7.99 -7.77 12.76
C THR B 39 -7.93 -9.15 12.08
N ASN B 40 -6.89 -9.88 12.40
CA ASN B 40 -6.59 -11.13 11.70
C ASN B 40 -7.04 -12.31 12.58
N TYR B 41 -8.19 -12.87 12.26
CA TYR B 41 -8.65 -14.09 12.96
C TYR B 41 -8.34 -15.36 12.11
N GLY B 42 -7.44 -15.24 11.17
CA GLY B 42 -7.02 -16.37 10.38
C GLY B 42 -6.48 -17.41 11.35
N GLU B 43 -6.71 -18.70 11.05
CA GLU B 43 -6.33 -19.76 11.99
C GLU B 43 -5.70 -20.95 11.27
N ASP B 44 -4.48 -21.33 11.64
CA ASP B 44 -3.81 -22.47 11.01
C ASP B 44 -4.70 -23.70 11.21
N GLY B 45 -4.83 -24.49 10.16
CA GLY B 45 -5.67 -25.65 10.16
C GLY B 45 -7.14 -25.50 9.92
N CYS B 46 -7.63 -24.26 9.87
CA CYS B 46 -9.04 -24.01 9.81
C CYS B 46 -9.63 -24.58 8.56
N SER B 47 -10.78 -25.24 8.69
CA SER B 47 -11.63 -25.67 7.55
C SER B 47 -12.73 -24.63 7.30
N VAL B 48 -13.56 -24.80 6.29
CA VAL B 48 -14.63 -23.82 6.06
CA VAL B 48 -14.64 -23.85 6.04
C VAL B 48 -15.67 -23.86 7.18
N GLN B 49 -16.01 -25.05 7.67
CA GLN B 49 -16.92 -25.13 8.82
C GLN B 49 -16.33 -24.50 10.07
N GLY B 50 -15.04 -24.67 10.28
CA GLY B 50 -14.34 -24.11 11.41
C GLY B 50 -14.43 -22.60 11.32
N ILE B 52 -16.82 -20.84 9.87
CA ILE B 52 -18.15 -20.49 10.30
C ILE B 52 -18.29 -20.43 11.80
N TYR B 53 -17.69 -21.39 12.49
CA TYR B 53 -17.71 -21.36 13.96
C TYR B 53 -16.97 -20.13 14.52
N ASN B 54 -15.84 -19.80 13.95
CA ASN B 54 -15.13 -18.60 14.35
C ASN B 54 -15.92 -17.31 14.12
N ILE B 55 -16.59 -17.21 13.01
CA ILE B 55 -17.43 -16.06 12.73
C ILE B 55 -18.59 -15.98 13.75
N GLU B 56 -19.30 -17.08 13.97
CA GLU B 56 -20.35 -17.16 15.00
C GLU B 56 -19.89 -16.67 16.35
N ASN B 57 -18.75 -17.18 16.83
CA ASN B 57 -18.24 -16.80 18.13
CA ASN B 57 -18.21 -16.79 18.12
C ASN B 57 -17.92 -15.29 18.21
N TRP B 58 -17.25 -14.74 17.18
CA TRP B 58 -16.97 -13.31 17.12
C TRP B 58 -18.27 -12.50 17.08
N ALA B 59 -19.27 -13.00 16.36
CA ALA B 59 -20.46 -12.22 16.15
C ALA B 59 -21.32 -12.07 17.41
N VAL B 60 -21.16 -12.97 18.37
CA VAL B 60 -21.87 -12.88 19.63
C VAL B 60 -21.65 -11.48 20.27
N THR B 61 -20.42 -10.97 20.28
CA THR B 61 -20.12 -9.73 20.97
C THR B 61 -19.84 -8.56 20.04
N ALA B 62 -20.09 -8.73 18.76
CA ALA B 62 -19.71 -7.70 17.84
C ALA B 62 -20.74 -6.60 17.86
N VAL B 63 -20.29 -5.39 18.10
CA VAL B 63 -21.17 -4.23 18.06
C VAL B 63 -21.54 -3.91 16.61
N SER B 64 -22.75 -3.40 16.39
CA SER B 64 -23.17 -2.89 15.08
C SER B 64 -22.21 -1.79 14.54
N ASP B 65 -21.91 -1.81 13.24
CA ASP B 65 -20.90 -0.90 12.65
C ASP B 65 -21.10 -0.81 11.15
N PRO B 66 -21.67 0.31 10.68
CA PRO B 66 -22.08 0.39 9.29
C PRO B 66 -20.94 0.57 8.28
N THR B 67 -19.69 0.75 8.69
CA THR B 67 -18.61 0.78 7.70
C THR B 67 -17.71 -0.50 7.77
N ARG B 68 -17.96 -1.39 8.72
CA ARG B 68 -17.07 -2.53 8.93
C ARG B 68 -17.12 -3.56 7.81
N HIS B 69 -15.96 -3.88 7.22
CA HIS B 69 -15.92 -4.95 6.21
C HIS B 69 -15.40 -6.28 6.87
N ILE B 70 -15.80 -7.38 6.28
CA ILE B 70 -15.33 -8.70 6.78
C ILE B 70 -14.78 -9.47 5.61
N PHE B 71 -13.49 -9.79 5.71
CA PHE B 71 -12.81 -10.53 4.66
C PHE B 71 -12.88 -12.08 5.01
N LEU B 72 -13.22 -12.88 4.01
CA LEU B 72 -13.30 -14.34 4.12
C LEU B 72 -12.55 -15.04 2.98
N CYS B 74 -11.19 -19.33 2.50
CA CYS B 74 -10.98 -20.65 3.09
C CYS B 74 -11.29 -21.73 2.12
N GLY B 75 -10.92 -22.97 2.51
CA GLY B 75 -11.31 -24.14 1.70
C GLY B 75 -10.16 -25.06 1.33
N THR B 76 -8.93 -24.56 1.29
CA THR B 76 -7.76 -25.39 0.94
C THR B 76 -7.67 -26.65 1.85
N ASN B 77 -7.85 -26.49 3.18
CA ASN B 77 -7.77 -27.67 4.08
C ASN B 77 -8.85 -28.68 3.75
N ASP B 78 -10.04 -28.22 3.43
CA ASP B 78 -11.09 -29.14 3.02
C ASP B 78 -10.73 -29.90 1.77
N ILE B 79 -10.17 -29.15 0.83
CA ILE B 79 -9.75 -29.75 -0.45
C ILE B 79 -8.64 -30.80 -0.26
N LEU B 80 -7.62 -30.46 0.51
CA LEU B 80 -6.58 -31.35 0.86
C LEU B 80 -7.12 -32.62 1.57
N GLN B 81 -8.22 -32.54 2.31
CA GLN B 81 -8.82 -33.67 2.93
C GLN B 81 -9.80 -34.43 2.07
N GLY B 82 -10.01 -34.06 0.82
CA GLY B 82 -10.83 -34.82 -0.08
C GLY B 82 -12.21 -34.33 -0.31
N ARG B 83 -12.57 -33.17 0.22
CA ARG B 83 -13.96 -32.70 0.10
C ARG B 83 -14.10 -32.13 -1.27
N ASP B 84 -15.30 -32.14 -1.79
CA ASP B 84 -15.49 -31.70 -3.14
C ASP B 84 -15.92 -30.22 -3.29
N SER B 85 -15.90 -29.75 -4.52
CA SER B 85 -16.02 -28.32 -4.79
C SER B 85 -17.41 -27.81 -4.55
N THR B 86 -18.41 -28.69 -4.59
CA THR B 86 -19.78 -28.33 -4.25
C THR B 86 -19.91 -28.12 -2.75
N TYR B 87 -19.35 -29.00 -1.94
CA TYR B 87 -19.41 -28.83 -0.48
C TYR B 87 -18.68 -27.56 -0.11
N VAL B 88 -17.49 -27.37 -0.66
CA VAL B 88 -16.66 -26.27 -0.20
C VAL B 88 -17.35 -24.95 -0.61
N TYR B 89 -17.83 -24.86 -1.82
CA TYR B 89 -18.51 -23.62 -2.28
C TYR B 89 -19.76 -23.35 -1.50
N LYS B 90 -20.60 -24.35 -1.29
CA LYS B 90 -21.83 -24.10 -0.53
C LYS B 90 -21.60 -23.71 0.89
N THR B 91 -20.56 -24.22 1.48
CA THR B 91 -20.28 -23.88 2.87
C THR B 91 -19.70 -22.45 2.96
N LEU B 92 -18.92 -22.04 1.96
CA LEU B 92 -18.40 -20.68 1.92
C LEU B 92 -19.55 -19.73 1.73
N VAL B 93 -20.52 -20.12 0.93
CA VAL B 93 -21.71 -19.27 0.79
C VAL B 93 -22.44 -19.12 2.11
N LYS B 94 -22.58 -20.19 2.90
CA LYS B 94 -23.18 -20.05 4.25
C LYS B 94 -22.37 -19.06 5.08
N ALA B 95 -21.03 -19.12 4.96
CA ALA B 95 -20.19 -18.19 5.74
C ALA B 95 -20.45 -16.73 5.30
N ILE B 96 -20.65 -16.56 4.02
CA ILE B 96 -20.83 -15.21 3.44
C ILE B 96 -22.17 -14.67 3.91
N GLU B 97 -23.18 -15.54 3.90
CA GLU B 97 -24.53 -15.21 4.41
C GLU B 97 -24.48 -14.79 5.85
N LEU B 98 -23.75 -15.53 6.66
CA LEU B 98 -23.61 -15.20 8.02
C LEU B 98 -22.84 -13.85 8.25
N ALA B 99 -21.67 -13.73 7.65
CA ALA B 99 -20.84 -12.54 7.84
C ALA B 99 -21.57 -11.29 7.38
N SER B 100 -22.41 -11.41 6.35
CA SER B 100 -23.08 -10.27 5.76
CA SER B 100 -23.05 -10.26 5.76
C SER B 100 -24.01 -9.59 6.76
N THR B 101 -24.38 -10.29 7.84
CA THR B 101 -25.19 -9.71 8.87
C THR B 101 -24.44 -8.79 9.78
N LYS B 102 -23.12 -8.73 9.69
CA LYS B 102 -22.32 -7.87 10.58
C LYS B 102 -21.42 -6.96 9.81
N GLY B 103 -21.45 -7.00 8.49
CA GLY B 103 -20.50 -6.15 7.74
C GLY B 103 -20.61 -6.37 6.29
N VAL B 105 -19.11 -7.83 3.00
CA VAL B 105 -18.19 -8.95 2.79
C VAL B 105 -17.22 -8.70 1.63
N ILE B 106 -15.97 -9.12 1.81
CA ILE B 106 -15.00 -9.22 0.74
C ILE B 106 -14.48 -10.67 0.69
N ILE B 107 -14.55 -11.26 -0.48
CA ILE B 107 -14.14 -12.68 -0.67
C ILE B 107 -12.74 -12.74 -1.29
N GLY B 108 -11.83 -13.48 -0.66
CA GLY B 108 -10.55 -13.82 -1.27
C GLY B 108 -10.62 -15.17 -2.01
N LEU B 109 -10.06 -15.26 -3.20
CA LEU B 109 -10.00 -16.50 -3.95
C LEU B 109 -8.69 -17.16 -3.62
N GLU B 110 -8.77 -18.30 -2.94
CA GLU B 110 -7.52 -18.97 -2.44
C GLU B 110 -6.60 -19.46 -3.55
N THR B 111 -5.32 -19.58 -3.20
CA THR B 111 -4.23 -19.82 -4.13
C THR B 111 -4.09 -21.32 -4.49
N GLN B 112 -3.24 -21.59 -5.46
CA GLN B 112 -3.28 -22.88 -6.20
C GLN B 112 -2.63 -23.95 -5.31
N ILE B 113 -3.01 -25.20 -5.57
CA ILE B 113 -2.40 -26.32 -4.85
C ILE B 113 -1.27 -26.79 -5.73
N ASP B 114 -0.15 -26.21 -5.41
CA ASP B 114 0.99 -26.12 -6.31
C ASP B 114 1.63 -27.50 -6.56
N SER B 115 1.54 -28.35 -5.57
CA SER B 115 2.08 -29.68 -5.65
C SER B 115 1.16 -30.61 -6.42
N ASP B 116 -0.04 -30.15 -6.83
CA ASP B 116 -0.96 -31.09 -7.49
C ASP B 116 -1.84 -30.39 -8.50
N ASP B 118 -2.58 -30.96 -11.61
CA ASP B 118 -3.51 -31.76 -12.43
C ASP B 118 -4.56 -32.50 -11.62
N GLY B 119 -4.48 -32.51 -10.28
CA GLY B 119 -5.54 -33.13 -9.42
C GLY B 119 -6.35 -32.15 -8.53
N LEU B 120 -5.88 -31.96 -7.31
CA LEU B 120 -6.62 -31.16 -6.29
C LEU B 120 -6.73 -29.69 -6.72
N ASP B 121 -5.80 -29.20 -7.54
CA ASP B 121 -5.89 -27.78 -7.96
C ASP B 121 -7.10 -27.56 -8.81
N LEU B 122 -7.57 -28.60 -9.49
CA LEU B 122 -8.83 -28.46 -10.26
C LEU B 122 -10.03 -28.17 -9.39
N VAL B 123 -9.96 -28.66 -8.16
CA VAL B 123 -11.09 -28.46 -7.26
C VAL B 123 -11.05 -26.97 -6.80
N VAL B 124 -9.88 -26.46 -6.50
CA VAL B 124 -9.71 -25.02 -6.09
C VAL B 124 -10.28 -24.12 -7.21
N ARG B 125 -9.95 -24.41 -8.44
CA ARG B 125 -10.47 -23.65 -9.56
C ARG B 125 -11.93 -23.75 -9.75
N GLU B 126 -12.53 -24.89 -9.48
CA GLU B 126 -13.98 -24.98 -9.57
C GLU B 126 -14.64 -24.15 -8.46
N VAL B 127 -14.06 -24.18 -7.26
CA VAL B 127 -14.56 -23.34 -6.16
C VAL B 127 -14.47 -21.84 -6.55
N ASN B 128 -13.33 -21.44 -7.04
CA ASN B 128 -13.12 -20.02 -7.37
C ASN B 128 -14.03 -19.52 -8.50
N GLU B 129 -14.26 -20.40 -9.47
CA GLU B 129 -15.16 -20.08 -10.54
C GLU B 129 -16.57 -19.86 -9.99
N GLN B 130 -17.08 -20.75 -9.12
CA GLN B 130 -18.38 -20.55 -8.50
C GLN B 130 -18.44 -19.31 -7.61
N LEU B 131 -17.40 -19.05 -6.83
CA LEU B 131 -17.33 -17.85 -6.01
C LEU B 131 -17.39 -16.54 -6.86
N LYS B 132 -16.69 -16.53 -7.99
CA LYS B 132 -16.71 -15.32 -8.84
C LYS B 132 -18.13 -15.08 -9.33
N ALA B 133 -18.78 -16.13 -9.83
CA ALA B 133 -20.15 -16.00 -10.27
C ALA B 133 -21.06 -15.53 -9.17
N TYR B 134 -20.87 -16.01 -7.95
CA TYR B 134 -21.74 -15.60 -6.85
C TYR B 134 -21.52 -14.11 -6.53
N ALA B 135 -20.29 -13.73 -6.48
CA ALA B 135 -19.91 -12.40 -6.11
C ALA B 135 -20.41 -11.38 -7.16
N ALA B 136 -20.42 -11.80 -8.42
CA ALA B 136 -20.87 -10.93 -9.49
C ALA B 136 -22.38 -10.75 -9.34
N GLU B 137 -23.10 -11.85 -9.17
CA GLU B 137 -24.51 -11.77 -8.86
C GLU B 137 -24.89 -10.85 -7.71
N HIS B 138 -24.14 -10.84 -6.60
CA HIS B 138 -24.60 -10.11 -5.41
C HIS B 138 -23.78 -8.87 -5.17
N ASN B 139 -22.98 -8.48 -6.14
CA ASN B 139 -22.10 -7.31 -6.04
C ASN B 139 -21.20 -7.34 -4.88
N ILE B 140 -20.46 -8.45 -4.71
CA ILE B 140 -19.50 -8.52 -3.60
C ILE B 140 -18.10 -8.36 -4.16
N LYS B 141 -17.25 -7.64 -3.47
CA LYS B 141 -15.91 -7.42 -3.92
C LYS B 141 -15.08 -8.71 -3.75
N VAL B 142 -14.28 -9.02 -4.76
CA VAL B 142 -13.44 -10.21 -4.80
C VAL B 142 -11.98 -9.81 -4.96
N ILE B 143 -11.10 -10.44 -4.20
CA ILE B 143 -9.68 -10.32 -4.39
C ILE B 143 -9.09 -11.62 -4.93
N ASP B 144 -8.65 -11.62 -6.20
CA ASP B 144 -8.20 -12.83 -6.91
C ASP B 144 -6.73 -13.16 -6.66
N PHE B 145 -6.45 -13.64 -5.45
CA PHE B 145 -5.07 -14.02 -5.11
C PHE B 145 -4.58 -15.18 -5.97
N TYR B 146 -5.48 -16.05 -6.41
CA TYR B 146 -5.11 -17.22 -7.17
C TYR B 146 -4.32 -16.81 -8.40
N THR B 147 -4.94 -15.96 -9.19
CA THR B 147 -4.32 -15.48 -10.44
C THR B 147 -2.98 -14.74 -10.21
N THR B 148 -2.90 -13.91 -9.18
CA THR B 148 -1.69 -13.21 -8.84
C THR B 148 -0.53 -14.13 -8.63
N LEU B 149 -0.69 -15.17 -7.81
CA LEU B 149 0.43 -16.09 -7.61
C LEU B 149 0.61 -17.07 -8.80
N PHE B 150 -0.47 -17.45 -9.46
CA PHE B 150 -0.36 -18.36 -10.57
C PHE B 150 0.53 -17.71 -11.70
N GLU B 151 0.27 -16.44 -12.00
CA GLU B 151 1.00 -15.73 -13.04
C GLU B 151 2.41 -15.49 -12.64
N ALA B 152 2.65 -15.15 -11.40
CA ALA B 152 4.02 -14.99 -10.95
C ALA B 152 4.83 -16.30 -11.02
N ASP B 153 4.21 -17.38 -10.54
CA ASP B 153 4.89 -18.67 -10.56
C ASP B 153 5.16 -19.11 -12.01
N GLN B 154 4.22 -18.82 -12.89
CA GLN B 154 4.35 -19.17 -14.29
C GLN B 154 5.56 -18.51 -14.98
N ILE B 155 5.78 -17.27 -14.69
CA ILE B 155 6.84 -16.49 -15.29
C ILE B 155 8.17 -16.78 -14.63
N GLY B 156 8.17 -17.56 -13.56
CA GLY B 156 9.41 -18.11 -12.99
C GLY B 156 9.81 -17.55 -11.66
N GLN B 157 8.94 -16.77 -11.00
CA GLN B 157 9.29 -16.28 -9.66
C GLN B 157 9.03 -17.41 -8.63
N ILE B 158 9.78 -17.44 -7.56
CA ILE B 158 9.59 -18.45 -6.57
C ILE B 158 8.70 -17.86 -5.50
N VAL B 159 7.44 -18.23 -5.54
CA VAL B 159 6.43 -17.67 -4.65
C VAL B 159 5.76 -18.63 -3.65
N PHE B 160 5.98 -19.92 -3.81
CA PHE B 160 5.51 -20.90 -2.84
C PHE B 160 6.66 -21.55 -2.06
N ALA B 161 6.47 -21.69 -0.77
CA ALA B 161 7.47 -22.32 0.09
C ALA B 161 7.34 -23.81 0.09
N GLY B 162 6.23 -24.33 -0.40
CA GLY B 162 6.13 -25.76 -0.56
C GLY B 162 4.89 -26.12 -1.32
N GLU B 163 4.07 -26.99 -0.74
CA GLU B 163 2.94 -27.51 -1.49
C GLU B 163 1.80 -26.49 -1.65
N VAL B 164 1.54 -25.71 -0.60
CA VAL B 164 0.43 -24.75 -0.67
C VAL B 164 0.71 -23.38 -0.16
N HIS B 165 1.67 -23.24 0.72
CA HIS B 165 1.86 -21.92 1.40
C HIS B 165 2.80 -20.98 0.66
N PRO B 166 2.40 -19.72 0.60
CA PRO B 166 3.28 -18.75 -0.02
C PRO B 166 4.46 -18.59 0.83
N ASN B 167 5.59 -18.23 0.21
CA ASN B 167 6.76 -17.69 0.93
C ASN B 167 6.64 -16.16 1.08
N GLU B 168 7.65 -15.52 1.60
CA GLU B 168 7.57 -14.10 1.90
C GLU B 168 7.34 -13.27 0.63
N ARG B 169 7.99 -13.65 -0.45
CA ARG B 169 7.71 -13.04 -1.74
C ARG B 169 6.28 -13.18 -2.23
N GLY B 170 5.72 -14.38 -2.12
CA GLY B 170 4.32 -14.61 -2.46
C GLY B 170 3.36 -13.76 -1.60
N TYR B 171 3.59 -13.71 -0.31
CA TYR B 171 2.79 -12.88 0.58
C TYR B 171 2.88 -11.35 0.24
N ARG B 172 4.06 -10.89 -0.19
CA ARG B 172 4.23 -9.47 -0.64
C ARG B 172 3.46 -9.21 -1.90
N LEU B 173 3.46 -10.15 -2.84
CA LEU B 173 2.68 -10.01 -4.03
C LEU B 173 1.20 -9.94 -3.75
N ALA B 175 -0.12 -8.98 -0.94
CA ALA B 175 -0.41 -7.69 -0.29
C ALA B 175 -0.54 -6.52 -1.34
N TYR B 176 0.30 -6.50 -2.38
CA TYR B 176 0.16 -5.48 -3.41
C TYR B 176 -1.17 -5.63 -4.10
N LYS B 177 -1.57 -6.86 -4.41
CA LYS B 177 -2.83 -7.07 -5.06
C LYS B 177 -4.01 -6.65 -4.16
N ALA B 178 -3.92 -6.96 -2.89
CA ALA B 178 -5.04 -6.65 -1.99
C ALA B 178 -5.20 -5.12 -1.77
N LEU B 179 -4.11 -4.37 -1.88
CA LEU B 179 -4.22 -2.90 -1.84
C LEU B 179 -5.19 -2.36 -2.87
N GLU B 180 -5.30 -2.99 -4.04
CA GLU B 180 -6.27 -2.51 -5.02
C GLU B 180 -7.66 -2.37 -4.44
N VAL B 181 -8.08 -3.37 -3.67
CA VAL B 181 -9.39 -3.34 -3.06
C VAL B 181 -9.46 -2.55 -1.81
N PHE B 182 -8.53 -2.78 -0.89
CA PHE B 182 -8.65 -2.19 0.44
C PHE B 182 -8.49 -0.66 0.51
N THR B 183 -7.85 -0.05 -0.51
CA THR B 183 -7.68 1.41 -0.50
C THR B 183 -8.85 2.10 -1.23
N ARG B 184 -9.79 1.35 -1.79
CA ARG B 184 -10.93 1.89 -2.51
C ARG B 184 -12.27 1.42 -1.90
N LEU B 185 -12.40 1.41 -0.58
CA LEU B 185 -13.65 0.79 -0.03
C LEU B 185 -14.85 1.77 0.10
#